data_3QJL
#
_entry.id   3QJL
#
_cell.length_a   88.773
_cell.length_b   88.773
_cell.length_c   257.629
_cell.angle_alpha   90.00
_cell.angle_beta   90.00
_cell.angle_gamma   90.00
#
_symmetry.space_group_name_H-M   'P 43 21 2'
#
loop_
_entity.id
_entity.type
_entity.pdbx_description
1 polymer 'Putative uncharacterized protein PH0350'
2 polymer "RNA (5'-R(*GP*UP*UP*AP*CP*AP*AP*UP*AP*AP*GP*A)-3')"
3 water water
#
loop_
_entity_poly.entity_id
_entity_poly.type
_entity_poly.pdbx_seq_one_letter_code
_entity_poly.pdbx_strand_id
1 'polypeptide(L)'
;HHHHMRIEVKLLPLKDNPILPFNYNYEVYSQILEKVNSIEPTIAKLLSSPHGFWTFSRIIVRKRKILPDKGIEILSDDVS
LYISSSNEDIIRAIAEAVEKSPEFKIGELSFLVGDIKAIKVKELGKENVFSTLSPIVVRTVKFEGNKLRHWDLYPHDELF
MDRLRKVMILRYSEVMGETPKDRDFTIEVLKFKPTRLMVGSSYIRGSLMVFRYAGSEEIARFGYENGFGEKTGLGFGMVK
LIE
;
A,B
2 'polyribonucleotide' GUUACAAUAAGA X,R
#
loop_
_chem_comp.id
_chem_comp.type
_chem_comp.name
_chem_comp.formula
A RNA linking ADENOSINE-5'-MONOPHOSPHATE 'C10 H14 N5 O7 P'
C RNA linking CYTIDINE-5'-MONOPHOSPHATE 'C9 H14 N3 O8 P'
G RNA linking GUANOSINE-5'-MONOPHOSPHATE 'C10 H14 N5 O8 P'
U RNA linking URIDINE-5'-MONOPHOSPHATE 'C9 H13 N2 O9 P'
#
# COMPACT_ATOMS: atom_id res chain seq x y z
N HIS A 4 -15.33 25.32 -4.05
CA HIS A 4 -13.97 25.72 -3.68
C HIS A 4 -13.00 25.59 -4.85
N MET A 5 -11.99 26.44 -4.88
CA MET A 5 -11.08 26.41 -6.02
C MET A 5 -9.95 25.42 -5.81
N ARG A 6 -9.66 24.68 -6.87
CA ARG A 6 -8.59 23.72 -6.87
C ARG A 6 -7.97 23.73 -8.26
N ILE A 7 -6.65 23.75 -8.36
CA ILE A 7 -6.03 23.80 -9.68
C ILE A 7 -5.10 22.63 -9.99
N GLU A 8 -4.98 22.32 -11.28
CA GLU A 8 -3.99 21.38 -11.74
C GLU A 8 -2.91 22.08 -12.51
N VAL A 9 -1.69 21.99 -12.01
CA VAL A 9 -0.51 22.54 -12.67
C VAL A 9 0.22 21.41 -13.38
N LYS A 10 0.32 21.47 -14.70
CA LYS A 10 1.10 20.45 -15.41
C LYS A 10 2.58 20.82 -15.45
N LEU A 11 3.45 19.84 -15.22
CA LEU A 11 4.88 20.09 -15.25
C LEU A 11 5.55 19.20 -16.28
N LEU A 12 6.58 19.75 -16.93
CA LEU A 12 7.31 19.06 -17.96
C LEU A 12 8.75 18.85 -17.52
N PRO A 13 9.16 17.57 -17.40
CA PRO A 13 10.53 17.21 -17.05
C PRO A 13 11.44 17.62 -18.18
N LEU A 14 12.55 18.29 -17.89
CA LEU A 14 13.37 18.87 -18.95
C LEU A 14 14.21 17.88 -19.78
N LYS A 15 15.01 17.05 -19.14
CA LYS A 15 15.91 16.22 -19.93
C LYS A 15 15.36 14.81 -20.13
N ASP A 16 16.12 13.99 -20.85
CA ASP A 16 15.75 12.58 -21.05
C ASP A 16 16.06 11.80 -19.77
N ASN A 17 15.35 10.69 -19.58
CA ASN A 17 15.52 9.86 -18.38
C ASN A 17 15.41 10.67 -17.10
N PRO A 18 14.32 11.45 -16.97
CA PRO A 18 14.20 12.30 -15.80
C PRO A 18 13.86 11.45 -14.58
N ILE A 19 14.39 11.83 -13.41
CA ILE A 19 14.15 11.10 -12.18
C ILE A 19 13.76 12.06 -11.05
N LEU A 20 12.57 11.84 -10.49
CA LEU A 20 12.05 12.65 -9.40
C LEU A 20 12.49 12.12 -8.04
N PRO A 21 13.22 12.92 -7.26
CA PRO A 21 13.67 12.53 -5.92
C PRO A 21 12.50 12.25 -4.98
N PHE A 22 12.68 11.36 -4.02
CA PHE A 22 11.58 10.90 -3.18
C PHE A 22 10.99 11.96 -2.27
N ASN A 23 11.82 12.84 -1.73
CA ASN A 23 11.28 13.84 -0.83
C ASN A 23 11.42 15.22 -1.44
N TYR A 24 10.32 15.71 -2.01
CA TYR A 24 10.29 17.09 -2.54
C TYR A 24 9.50 18.11 -1.72
N ASN A 25 8.84 17.69 -0.65
CA ASN A 25 7.87 18.56 -0.01
C ASN A 25 8.38 19.96 0.26
N TYR A 26 9.59 20.07 0.79
CA TYR A 26 10.10 21.38 1.14
C TYR A 26 10.49 22.19 -0.11
N GLU A 27 11.11 21.52 -1.07
CA GLU A 27 11.53 22.19 -2.29
C GLU A 27 10.34 22.81 -3.02
N VAL A 28 9.32 22.00 -3.29
CA VAL A 28 8.14 22.50 -3.95
C VAL A 28 7.54 23.64 -3.15
N TYR A 29 7.30 23.43 -1.88
CA TYR A 29 6.68 24.45 -1.05
C TYR A 29 7.44 25.77 -1.06
N SER A 30 8.73 25.72 -0.78
CA SER A 30 9.53 26.93 -0.65
C SER A 30 9.62 27.64 -1.99
N GLN A 31 9.65 26.86 -3.06
CA GLN A 31 9.69 27.39 -4.42
C GLN A 31 8.43 28.20 -4.75
N ILE A 32 7.27 27.62 -4.50
CA ILE A 32 6.03 28.34 -4.66
C ILE A 32 6.01 29.60 -3.80
N LEU A 33 6.34 29.46 -2.52
CA LEU A 33 6.37 30.62 -1.61
C LEU A 33 7.15 31.79 -2.21
N GLU A 34 8.36 31.49 -2.69
CA GLU A 34 9.23 32.47 -3.33
C GLU A 34 8.54 33.13 -4.52
N LYS A 35 7.97 32.31 -5.39
CA LYS A 35 7.27 32.81 -6.56
C LYS A 35 6.08 33.70 -6.22
N VAL A 36 5.22 33.27 -5.31
CA VAL A 36 4.10 34.10 -4.88
C VAL A 36 4.61 35.36 -4.18
N ASN A 37 5.68 35.23 -3.43
CA ASN A 37 6.16 36.37 -2.68
C ASN A 37 6.59 37.53 -3.58
N SER A 38 7.05 37.20 -4.79
CA SER A 38 7.45 38.20 -5.76
C SER A 38 6.26 39.09 -6.17
N ILE A 39 5.09 38.49 -6.24
CA ILE A 39 3.87 39.17 -6.68
C ILE A 39 3.01 39.60 -5.49
N GLU A 40 2.56 38.65 -4.69
CA GLU A 40 1.64 38.95 -3.59
C GLU A 40 2.27 38.65 -2.21
N PRO A 41 3.21 39.50 -1.77
CA PRO A 41 3.95 39.25 -0.53
C PRO A 41 3.01 39.02 0.64
N THR A 42 1.84 39.62 0.54
CA THR A 42 0.86 39.62 1.61
C THR A 42 0.16 38.27 1.66
N ILE A 43 0.01 37.64 0.50
CA ILE A 43 -0.55 36.30 0.42
C ILE A 43 0.50 35.26 0.76
N ALA A 44 1.73 35.50 0.31
CA ALA A 44 2.84 34.63 0.64
C ALA A 44 2.83 34.36 2.15
N LYS A 45 2.55 35.39 2.94
CA LYS A 45 2.54 35.23 4.39
C LYS A 45 1.48 34.25 4.86
N LEU A 46 0.44 34.03 4.04
CA LEU A 46 -0.58 33.04 4.37
C LEU A 46 -0.06 31.65 4.05
N LEU A 47 0.60 31.53 2.90
CA LEU A 47 1.17 30.28 2.47
C LEU A 47 2.09 29.71 3.53
N SER A 48 2.84 30.60 4.17
CA SER A 48 3.92 30.24 5.06
C SER A 48 3.39 30.01 6.47
N SER A 49 2.11 30.26 6.68
CA SER A 49 1.50 30.02 7.98
C SER A 49 1.38 28.53 8.28
N PRO A 50 1.54 28.17 9.55
CA PRO A 50 1.39 26.82 10.12
C PRO A 50 -0.08 26.35 10.17
N HIS A 51 -1.00 27.31 10.10
CA HIS A 51 -2.41 27.03 10.31
C HIS A 51 -3.12 26.32 9.17
N GLY A 52 -2.40 26.07 8.08
CA GLY A 52 -2.99 25.37 6.96
C GLY A 52 -3.96 26.18 6.13
N PHE A 53 -3.48 27.28 5.58
CA PHE A 53 -4.30 28.05 4.67
C PHE A 53 -4.47 27.40 3.31
N TRP A 54 -3.67 26.37 3.03
CA TRP A 54 -3.82 25.66 1.76
C TRP A 54 -3.18 24.28 1.83
N THR A 55 -3.32 23.51 0.75
CA THR A 55 -2.62 22.24 0.60
C THR A 55 -2.12 22.11 -0.81
N PHE A 56 -1.24 21.15 -1.01
CA PHE A 56 -0.98 20.66 -2.35
C PHE A 56 -0.65 19.18 -2.26
N SER A 57 -0.95 18.45 -3.32
CA SER A 57 -0.78 17.00 -3.37
C SER A 57 0.67 16.56 -3.60
N ARG A 58 0.89 15.25 -3.70
CA ARG A 58 2.16 14.74 -4.21
C ARG A 58 2.22 15.17 -5.67
N ILE A 59 3.40 15.14 -6.26
CA ILE A 59 3.49 15.31 -7.69
C ILE A 59 3.07 14.00 -8.34
N ILE A 60 1.97 14.04 -9.08
CA ILE A 60 1.39 12.81 -9.61
C ILE A 60 2.09 12.40 -10.89
N VAL A 61 2.71 11.23 -10.89
CA VAL A 61 3.29 10.65 -12.11
C VAL A 61 2.46 9.46 -12.57
N ARG A 62 1.73 9.64 -13.66
CA ARG A 62 0.78 8.63 -14.10
C ARG A 62 1.47 7.33 -14.45
N LYS A 63 2.68 7.39 -14.99
CA LYS A 63 3.40 6.16 -15.27
C LYS A 63 4.90 6.23 -14.94
N ARG A 64 5.38 5.25 -14.18
CA ARG A 64 6.65 5.38 -13.47
C ARG A 64 7.30 4.02 -13.17
N LYS A 65 8.58 4.07 -12.83
CA LYS A 65 9.29 2.90 -12.33
C LYS A 65 10.10 3.40 -11.13
N ILE A 66 10.60 2.49 -10.30
CA ILE A 66 11.31 2.92 -9.10
C ILE A 66 12.80 2.59 -9.09
N LEU A 67 13.57 3.60 -8.68
CA LEU A 67 15.01 3.48 -8.49
C LEU A 67 15.30 3.82 -7.03
N PRO A 68 15.32 2.80 -6.18
CA PRO A 68 15.36 2.96 -4.73
C PRO A 68 16.45 3.91 -4.25
N ASP A 69 17.59 3.95 -4.94
CA ASP A 69 18.66 4.88 -4.56
C ASP A 69 18.50 6.30 -5.11
N LYS A 70 17.82 6.43 -6.26
CA LYS A 70 17.70 7.71 -6.96
C LYS A 70 16.32 8.39 -6.72
N GLY A 71 15.26 7.72 -7.13
CA GLY A 71 13.94 8.29 -7.01
C GLY A 71 12.99 7.61 -7.97
N ILE A 72 11.95 8.34 -8.38
CA ILE A 72 10.92 7.84 -9.28
C ILE A 72 11.24 8.14 -10.74
N GLU A 73 11.27 7.11 -11.56
CA GLU A 73 11.49 7.29 -12.98
C GLU A 73 10.22 7.80 -13.62
N ILE A 74 10.27 8.95 -14.29
CA ILE A 74 9.08 9.47 -14.95
C ILE A 74 9.02 8.95 -16.38
N LEU A 75 8.06 8.06 -16.64
CA LEU A 75 7.86 7.54 -17.99
C LEU A 75 6.72 8.25 -18.71
N SER A 76 6.05 9.15 -18.00
CA SER A 76 5.03 10.00 -18.59
C SER A 76 5.69 11.20 -19.28
N ASP A 77 4.97 11.81 -20.22
CA ASP A 77 5.44 13.05 -20.86
C ASP A 77 5.39 14.24 -19.91
N ASP A 78 4.36 14.27 -19.07
CA ASP A 78 4.29 15.30 -18.03
C ASP A 78 3.86 14.74 -16.67
N VAL A 79 3.85 15.61 -15.67
CA VAL A 79 3.40 15.26 -14.33
C VAL A 79 2.48 16.38 -13.84
N SER A 80 1.53 16.06 -12.97
CA SER A 80 0.63 17.09 -12.49
C SER A 80 0.87 17.34 -11.02
N LEU A 81 0.50 18.52 -10.55
CA LEU A 81 0.57 18.83 -9.14
C LEU A 81 -0.70 19.57 -8.78
N TYR A 82 -1.51 19.00 -7.89
CA TYR A 82 -2.78 19.62 -7.55
C TYR A 82 -2.65 20.52 -6.34
N ILE A 83 -3.28 21.68 -6.38
CA ILE A 83 -3.20 22.65 -5.30
C ILE A 83 -4.62 23.04 -4.90
N SER A 84 -4.86 23.26 -3.63
CA SER A 84 -6.23 23.55 -3.18
C SER A 84 -6.27 24.60 -2.08
N SER A 85 -7.41 25.23 -1.89
CA SER A 85 -7.57 26.23 -0.84
C SER A 85 -9.02 26.69 -0.79
N SER A 86 -9.43 27.19 0.36
CA SER A 86 -10.80 27.64 0.54
C SER A 86 -10.91 29.08 0.06
N ASN A 87 -9.74 29.68 -0.15
CA ASN A 87 -9.61 31.07 -0.51
C ASN A 87 -9.14 31.18 -1.94
N GLU A 88 -10.03 31.63 -2.84
CA GLU A 88 -9.65 31.63 -4.25
C GLU A 88 -8.74 32.79 -4.58
N ASP A 89 -8.55 33.70 -3.63
CA ASP A 89 -7.49 34.68 -3.78
C ASP A 89 -6.10 34.05 -3.65
N ILE A 90 -5.97 33.03 -2.78
CA ILE A 90 -4.73 32.27 -2.71
C ILE A 90 -4.47 31.47 -4.00
N ILE A 91 -5.51 30.83 -4.51
CA ILE A 91 -5.38 30.08 -5.75
C ILE A 91 -4.96 30.99 -6.90
N ARG A 92 -5.69 32.10 -7.04
CA ARG A 92 -5.47 33.13 -8.06
C ARG A 92 -4.01 33.54 -8.07
N ALA A 93 -3.52 33.96 -6.91
CA ALA A 93 -2.13 34.38 -6.76
C ALA A 93 -1.10 33.29 -7.07
N ILE A 94 -1.44 32.03 -6.83
CA ILE A 94 -0.49 30.97 -7.10
C ILE A 94 -0.36 30.75 -8.60
N ALA A 95 -1.50 30.69 -9.27
CA ALA A 95 -1.52 30.55 -10.73
C ALA A 95 -0.62 31.61 -11.40
N GLU A 96 -0.80 32.88 -11.02
CA GLU A 96 -0.02 33.96 -11.59
C GLU A 96 1.48 33.79 -11.33
N ALA A 97 1.85 33.66 -10.06
CA ALA A 97 3.24 33.55 -9.64
C ALA A 97 3.94 32.44 -10.40
N VAL A 98 3.32 31.27 -10.41
CA VAL A 98 3.89 30.12 -11.07
C VAL A 98 4.08 30.37 -12.56
N GLU A 99 3.02 30.85 -13.21
CA GLU A 99 3.09 31.09 -14.65
C GLU A 99 4.12 32.15 -15.06
N LYS A 100 4.25 33.21 -14.28
CA LYS A 100 5.31 34.16 -14.54
C LYS A 100 6.67 33.45 -14.49
N SER A 101 6.95 32.80 -13.38
CA SER A 101 8.27 32.20 -13.21
C SER A 101 8.10 30.69 -13.13
N PRO A 102 7.93 30.04 -14.29
CA PRO A 102 7.58 28.62 -14.33
C PRO A 102 8.80 27.69 -14.37
N GLU A 103 9.78 27.93 -13.50
CA GLU A 103 11.00 27.14 -13.54
C GLU A 103 11.17 26.45 -12.20
N PHE A 104 11.07 25.12 -12.22
CA PHE A 104 11.19 24.34 -11.01
C PHE A 104 12.39 23.42 -11.00
N LYS A 105 13.12 23.45 -9.89
CA LYS A 105 14.28 22.59 -9.71
C LYS A 105 14.06 21.69 -8.49
N ILE A 106 13.86 20.40 -8.73
CA ILE A 106 13.75 19.42 -7.65
C ILE A 106 14.90 18.43 -7.71
N GLY A 107 15.82 18.53 -6.77
CA GLY A 107 17.06 17.78 -6.89
C GLY A 107 17.75 18.13 -8.20
N GLU A 108 18.02 17.11 -9.01
CA GLU A 108 18.72 17.30 -10.28
C GLU A 108 17.78 17.45 -11.47
N LEU A 109 16.48 17.47 -11.20
CA LEU A 109 15.51 17.51 -12.28
C LEU A 109 14.86 18.89 -12.36
N SER A 110 14.95 19.54 -13.52
CA SER A 110 14.29 20.82 -13.71
C SER A 110 12.97 20.65 -14.46
N PHE A 111 11.89 21.22 -13.92
CA PHE A 111 10.63 21.16 -14.63
C PHE A 111 10.31 22.52 -15.27
N LEU A 112 9.25 22.53 -16.05
CA LEU A 112 8.77 23.74 -16.71
C LEU A 112 7.27 23.74 -16.64
N VAL A 113 6.68 24.77 -16.06
CA VAL A 113 5.22 24.79 -15.91
C VAL A 113 4.53 24.82 -17.27
N GLY A 114 3.67 23.84 -17.50
CA GLY A 114 2.81 23.81 -18.67
C GLY A 114 1.50 24.39 -18.19
N ASP A 115 0.39 23.97 -18.78
CA ASP A 115 -0.91 24.56 -18.46
C ASP A 115 -1.26 24.55 -16.98
N ILE A 116 -1.87 25.65 -16.52
CA ILE A 116 -2.54 25.70 -15.25
C ILE A 116 -4.02 25.60 -15.60
N LYS A 117 -4.82 24.98 -14.77
CA LYS A 117 -6.25 25.02 -15.03
C LYS A 117 -7.04 24.82 -13.77
N ALA A 118 -8.19 25.47 -13.66
CA ALA A 118 -9.06 25.27 -12.52
C ALA A 118 -9.73 23.95 -12.75
N ILE A 119 -9.90 23.20 -11.67
CA ILE A 119 -10.45 21.86 -11.73
C ILE A 119 -11.88 21.84 -11.18
N LYS A 120 -12.73 21.06 -11.83
CA LYS A 120 -14.07 20.76 -11.31
C LYS A 120 -13.94 19.90 -10.04
N VAL A 121 -14.70 20.25 -9.02
CA VAL A 121 -14.60 19.58 -7.74
C VAL A 121 -15.98 19.17 -7.26
N LYS A 122 -16.11 17.91 -6.87
CA LYS A 122 -17.40 17.28 -6.58
C LYS A 122 -18.04 17.76 -5.27
N GLU A 123 -19.37 17.80 -5.20
CA GLU A 123 -20.05 18.17 -3.97
C GLU A 123 -19.89 17.06 -2.94
N LEU A 124 -20.08 17.36 -1.65
CA LEU A 124 -20.00 16.30 -0.65
C LEU A 124 -21.37 15.80 -0.21
N GLY A 125 -21.38 14.68 0.51
CA GLY A 125 -22.58 14.12 1.11
C GLY A 125 -22.53 14.13 2.64
N LYS A 126 -23.46 13.42 3.26
CA LYS A 126 -23.43 13.26 4.71
C LYS A 126 -22.17 12.49 5.11
N GLU A 127 -21.88 11.45 4.34
CA GLU A 127 -20.65 10.69 4.50
C GLU A 127 -19.85 10.70 3.22
N ASN A 128 -18.54 10.83 3.34
CA ASN A 128 -17.69 10.86 2.18
C ASN A 128 -16.53 9.87 2.30
N VAL A 129 -16.15 9.27 1.18
CA VAL A 129 -14.99 8.38 1.17
C VAL A 129 -13.84 9.08 0.54
N PHE A 130 -12.86 9.46 1.35
CA PHE A 130 -11.71 10.22 0.86
C PHE A 130 -10.55 9.29 0.66
N SER A 131 -9.76 9.57 -0.36
CA SER A 131 -8.46 8.98 -0.51
C SER A 131 -7.48 10.12 -0.39
N THR A 132 -6.30 9.83 0.14
CA THR A 132 -5.28 10.81 0.40
C THR A 132 -4.58 11.18 -0.92
N LEU A 133 -4.41 12.46 -1.20
CA LEU A 133 -3.60 12.89 -2.36
C LEU A 133 -2.17 13.27 -1.92
N SER A 134 -2.01 13.51 -0.63
CA SER A 134 -0.69 13.65 -0.01
C SER A 134 -0.82 13.20 1.46
N PRO A 135 0.24 12.62 2.04
CA PRO A 135 0.08 12.01 3.37
C PRO A 135 -0.56 12.94 4.41
N ILE A 136 -1.56 12.44 5.14
CA ILE A 136 -2.11 13.14 6.29
C ILE A 136 -1.19 13.02 7.52
N VAL A 137 -0.85 14.15 8.11
CA VAL A 137 0.07 14.24 9.25
C VAL A 137 -0.65 14.67 10.53
N VAL A 138 -0.55 13.86 11.60
CA VAL A 138 -1.08 14.25 12.90
C VAL A 138 -0.04 14.05 14.00
N ARG A 139 0.38 15.14 14.65
CA ARG A 139 1.52 15.09 15.57
C ARG A 139 1.14 15.34 17.01
N THR A 140 1.93 14.73 17.90
CA THR A 140 1.76 14.88 19.33
C THR A 140 3.15 15.08 19.90
N VAL A 141 3.21 15.49 21.15
CA VAL A 141 4.48 15.57 21.88
C VAL A 141 4.68 14.37 22.81
N LYS A 142 5.89 13.83 22.83
CA LYS A 142 6.19 12.72 23.73
C LYS A 142 7.57 12.91 24.36
N PHE A 143 7.70 12.60 25.65
CA PHE A 143 9.01 12.59 26.27
C PHE A 143 9.75 11.39 25.72
N GLU A 144 10.88 11.64 25.06
CA GLU A 144 11.77 10.59 24.61
C GLU A 144 13.18 11.03 24.99
N GLY A 145 13.82 10.29 25.88
CA GLY A 145 15.01 10.79 26.54
C GLY A 145 14.62 11.99 27.39
N ASN A 146 15.33 13.10 27.24
CA ASN A 146 15.02 14.32 27.98
C ASN A 146 14.19 15.31 27.18
N LYS A 147 14.84 15.96 26.22
CA LYS A 147 14.22 17.01 25.44
C LYS A 147 12.91 16.51 24.83
N LEU A 148 11.87 17.34 24.90
CA LEU A 148 10.61 17.01 24.28
C LEU A 148 10.77 17.03 22.77
N ARG A 149 10.20 16.03 22.11
CA ARG A 149 10.26 15.97 20.66
C ARG A 149 8.89 15.65 20.08
N HIS A 150 8.81 15.65 18.76
CA HIS A 150 7.54 15.42 18.07
C HIS A 150 7.32 13.95 17.82
N TRP A 151 6.18 13.43 18.27
CA TRP A 151 5.81 12.07 17.91
C TRP A 151 4.66 12.08 16.91
N ASP A 152 4.84 11.39 15.79
CA ASP A 152 3.81 11.33 14.75
C ASP A 152 2.79 10.22 14.99
N LEU A 153 1.53 10.49 14.67
CA LEU A 153 0.47 9.54 14.95
C LEU A 153 -0.10 9.00 13.66
N TYR A 154 -0.67 7.81 13.75
CA TYR A 154 -1.44 7.20 12.67
C TYR A 154 -2.78 6.81 13.24
N PRO A 155 -3.75 6.51 12.37
CA PRO A 155 -5.09 6.19 12.86
C PRO A 155 -5.14 5.02 13.87
N HIS A 156 -4.21 4.08 13.76
CA HIS A 156 -4.23 2.95 14.69
C HIS A 156 -3.73 3.32 16.09
N ASP A 157 -3.22 4.55 16.23
CA ASP A 157 -2.81 5.02 17.55
C ASP A 157 -4.01 5.51 18.35
N GLU A 158 -3.93 5.40 19.66
CA GLU A 158 -5.09 5.72 20.51
C GLU A 158 -5.47 7.20 20.51
N LEU A 159 -4.47 8.07 20.52
CA LEU A 159 -4.71 9.50 20.64
C LEU A 159 -4.99 10.19 19.31
N PHE A 160 -4.97 9.42 18.23
CA PHE A 160 -5.10 9.99 16.89
C PHE A 160 -6.37 10.82 16.71
N MET A 161 -7.50 10.14 16.71
CA MET A 161 -8.81 10.76 16.46
C MET A 161 -9.04 11.99 17.32
N ASP A 162 -8.61 11.93 18.58
CA ASP A 162 -8.85 13.05 19.47
C ASP A 162 -7.91 14.20 19.14
N ARG A 163 -6.69 13.87 18.74
CA ARG A 163 -5.75 14.88 18.35
C ARG A 163 -6.19 15.55 17.03
N LEU A 164 -6.62 14.75 16.07
CA LEU A 164 -7.00 15.27 14.76
C LEU A 164 -8.20 16.18 14.87
N ARG A 165 -9.17 15.76 15.68
CA ARG A 165 -10.37 16.53 15.97
C ARG A 165 -9.97 17.95 16.43
N LYS A 166 -9.10 18.02 17.43
CA LYS A 166 -8.65 19.32 17.94
C LYS A 166 -7.86 20.11 16.91
N VAL A 167 -7.04 19.45 16.11
CA VAL A 167 -6.29 20.16 15.09
C VAL A 167 -7.22 20.84 14.09
N MET A 168 -8.25 20.12 13.63
CA MET A 168 -9.19 20.68 12.67
C MET A 168 -9.98 21.84 13.25
N ILE A 169 -10.66 21.63 14.37
CA ILE A 169 -11.37 22.72 15.02
C ILE A 169 -10.46 23.92 15.17
N LEU A 170 -9.26 23.68 15.68
CA LEU A 170 -8.30 24.74 15.88
C LEU A 170 -8.00 25.44 14.55
N ARG A 171 -7.51 24.65 13.58
CA ARG A 171 -7.16 25.20 12.28
C ARG A 171 -8.32 25.98 11.65
N TYR A 172 -9.51 25.39 11.68
CA TYR A 172 -10.70 25.99 11.13
C TYR A 172 -10.95 27.41 11.63
N SER A 173 -10.94 27.57 12.94
CA SER A 173 -11.24 28.86 13.54
C SER A 173 -10.14 29.87 13.19
N GLU A 174 -8.94 29.35 12.96
CA GLU A 174 -7.79 30.18 12.64
C GLU A 174 -7.86 30.76 11.23
N VAL A 175 -8.07 29.91 10.22
CA VAL A 175 -8.19 30.40 8.85
C VAL A 175 -9.59 30.90 8.48
N MET A 176 -10.63 30.25 9.01
CA MET A 176 -11.99 30.64 8.66
C MET A 176 -12.47 31.89 9.40
N GLY A 177 -11.92 32.13 10.59
CA GLY A 177 -12.28 33.31 11.36
C GLY A 177 -13.31 33.03 12.44
N GLU A 178 -13.98 31.88 12.37
CA GLU A 178 -14.91 31.48 13.41
C GLU A 178 -14.77 30.00 13.75
N THR A 179 -15.35 29.58 14.87
CA THR A 179 -15.36 28.17 15.24
C THR A 179 -16.57 27.51 14.60
N PRO A 180 -16.42 26.26 14.13
CA PRO A 180 -17.52 25.56 13.46
C PRO A 180 -18.63 25.19 14.45
N LYS A 181 -19.87 25.22 13.99
CA LYS A 181 -21.01 24.93 14.85
C LYS A 181 -21.00 23.47 15.26
N ASP A 182 -20.93 22.57 14.28
CA ASP A 182 -20.75 21.17 14.61
C ASP A 182 -19.27 20.79 14.56
N ARG A 183 -18.72 20.47 15.74
CA ARG A 183 -17.34 20.02 15.87
C ARG A 183 -17.12 18.50 16.02
N ASP A 184 -18.19 17.71 15.92
CA ASP A 184 -18.04 16.28 16.05
C ASP A 184 -17.84 15.59 14.70
N PHE A 185 -16.82 14.76 14.61
CA PHE A 185 -16.64 13.89 13.45
C PHE A 185 -15.75 12.69 13.74
N THR A 186 -15.87 11.65 12.91
CA THR A 186 -15.01 10.49 13.00
C THR A 186 -14.49 10.16 11.64
N ILE A 187 -13.38 9.43 11.58
CA ILE A 187 -12.96 8.82 10.33
C ILE A 187 -12.70 7.34 10.57
N GLU A 188 -13.09 6.49 9.64
CA GLU A 188 -12.65 5.10 9.75
C GLU A 188 -11.81 4.66 8.56
N VAL A 189 -10.61 4.18 8.85
CA VAL A 189 -9.64 3.79 7.87
C VAL A 189 -10.15 2.62 7.04
N LEU A 190 -9.82 2.63 5.75
CA LEU A 190 -10.25 1.58 4.84
C LEU A 190 -9.03 0.93 4.23
N LYS A 191 -8.19 1.73 3.62
CA LYS A 191 -6.90 1.24 3.15
C LYS A 191 -5.86 2.14 3.81
N PHE A 192 -4.87 1.55 4.49
CA PHE A 192 -3.90 2.36 5.22
C PHE A 192 -2.44 2.01 5.01
N LYS A 193 -1.61 3.04 4.91
CA LYS A 193 -0.17 2.87 4.80
C LYS A 193 0.57 4.03 5.49
N PRO A 194 1.76 3.73 6.01
CA PRO A 194 2.62 4.77 6.60
C PRO A 194 3.69 5.30 5.62
N THR A 195 4.12 6.55 5.76
CA THR A 195 5.17 7.04 4.88
C THR A 195 6.05 7.95 5.72
N ARG A 196 7.34 8.01 5.38
CA ARG A 196 8.26 8.91 6.07
C ARG A 196 8.84 9.88 5.07
N LEU A 197 8.66 11.18 5.32
CA LEU A 197 9.19 12.19 4.41
C LEU A 197 10.22 13.07 5.08
N MET A 198 11.29 13.36 4.35
CA MET A 198 12.28 14.28 4.84
C MET A 198 11.92 15.65 4.29
N VAL A 199 11.49 16.55 5.16
CA VAL A 199 11.20 17.92 4.75
C VAL A 199 12.25 18.83 5.39
N GLY A 200 13.09 19.41 4.56
CA GLY A 200 14.21 20.17 5.04
C GLY A 200 15.19 19.28 5.78
N SER A 201 15.52 19.68 7.00
CA SER A 201 16.47 18.93 7.81
C SER A 201 15.76 17.94 8.73
N SER A 202 14.43 17.84 8.60
CA SER A 202 13.63 17.05 9.53
C SER A 202 13.03 15.81 8.88
N TYR A 203 12.25 15.09 9.67
CA TYR A 203 11.53 13.91 9.20
C TYR A 203 10.10 14.00 9.67
N ILE A 204 9.17 13.85 8.74
CA ILE A 204 7.76 13.81 9.11
C ILE A 204 7.15 12.53 8.59
N ARG A 205 6.35 11.87 9.43
CA ARG A 205 5.76 10.58 9.09
C ARG A 205 4.25 10.75 9.07
N GLY A 206 3.60 10.13 8.10
CA GLY A 206 2.18 10.36 7.91
C GLY A 206 1.50 9.18 7.27
N SER A 207 0.20 9.33 7.01
CA SER A 207 -0.59 8.23 6.47
C SER A 207 -1.01 8.48 5.03
N LEU A 208 -0.80 7.48 4.17
CA LEU A 208 -1.45 7.46 2.88
C LEU A 208 -2.59 6.46 3.01
N MET A 209 -3.82 6.94 2.96
CA MET A 209 -4.94 6.08 3.31
C MET A 209 -6.17 6.42 2.50
N VAL A 210 -7.08 5.45 2.43
CA VAL A 210 -8.42 5.72 1.97
C VAL A 210 -9.29 5.61 3.20
N PHE A 211 -10.07 6.64 3.53
CA PHE A 211 -10.88 6.58 4.74
C PHE A 211 -12.28 7.13 4.52
N ARG A 212 -13.18 6.82 5.45
CA ARG A 212 -14.53 7.36 5.39
C ARG A 212 -14.71 8.38 6.48
N TYR A 213 -15.25 9.53 6.09
CA TYR A 213 -15.47 10.63 7.00
C TYR A 213 -16.94 10.63 7.32
N ALA A 214 -17.28 10.90 8.56
CA ALA A 214 -18.67 11.10 8.96
C ALA A 214 -18.76 12.27 9.94
N GLY A 215 -19.95 12.84 10.13
CA GLY A 215 -20.10 13.99 11.02
C GLY A 215 -19.97 15.35 10.38
N SER A 216 -19.39 16.29 11.12
CA SER A 216 -19.58 17.72 10.84
C SER A 216 -19.40 18.07 9.36
N GLU A 217 -20.40 18.72 8.80
CA GLU A 217 -20.40 19.03 7.37
C GLU A 217 -19.51 20.22 7.02
N GLU A 218 -19.26 21.11 7.97
CA GLU A 218 -18.32 22.22 7.76
C GLU A 218 -16.85 21.82 7.87
N ILE A 219 -16.52 20.93 8.83
CA ILE A 219 -15.14 20.46 8.96
C ILE A 219 -14.77 19.65 7.74
N ALA A 220 -15.72 18.86 7.23
CA ALA A 220 -15.54 18.13 5.97
C ALA A 220 -15.19 19.06 4.81
N ARG A 221 -15.97 20.13 4.63
CA ARG A 221 -15.65 21.10 3.61
C ARG A 221 -14.25 21.65 3.88
N PHE A 222 -13.97 21.95 5.14
CA PHE A 222 -12.68 22.54 5.49
C PHE A 222 -11.50 21.66 5.13
N GLY A 223 -11.59 20.37 5.47
CA GLY A 223 -10.54 19.41 5.18
C GLY A 223 -10.35 19.19 3.69
N TYR A 224 -11.47 19.06 2.99
CA TYR A 224 -11.46 18.88 1.55
C TYR A 224 -10.71 20.02 0.87
N GLU A 225 -10.99 21.25 1.28
CA GLU A 225 -10.42 22.44 0.63
C GLU A 225 -9.00 22.75 1.08
N ASN A 226 -8.78 22.72 2.38
CA ASN A 226 -7.48 23.03 2.99
C ASN A 226 -6.60 21.88 3.45
N GLY A 227 -7.07 20.65 3.23
CA GLY A 227 -6.32 19.48 3.67
C GLY A 227 -6.65 19.08 5.10
N PHE A 228 -6.50 17.80 5.40
CA PHE A 228 -6.70 17.30 6.76
C PHE A 228 -5.38 17.19 7.51
N GLY A 229 -5.37 17.52 8.80
CA GLY A 229 -4.20 17.37 9.62
C GLY A 229 -3.29 18.58 9.69
N GLU A 230 -2.00 18.36 9.87
CA GLU A 230 -1.06 19.43 10.16
C GLU A 230 -0.06 19.55 9.04
N LYS A 231 0.64 20.68 8.99
CA LYS A 231 1.65 20.94 7.99
C LYS A 231 1.03 20.89 6.60
N THR A 232 -0.25 21.27 6.48
CA THR A 232 -0.88 21.14 5.18
C THR A 232 -0.16 21.98 4.14
N GLY A 233 0.21 23.20 4.52
CA GLY A 233 0.90 24.11 3.63
C GLY A 233 2.21 23.59 3.07
N LEU A 234 2.73 22.53 3.69
CA LEU A 234 3.98 21.93 3.26
C LEU A 234 3.78 20.83 2.23
N GLY A 235 2.54 20.63 1.78
CA GLY A 235 2.23 19.53 0.88
C GLY A 235 1.65 18.26 1.51
N PHE A 236 1.02 18.42 2.68
CA PHE A 236 0.40 17.30 3.36
C PHE A 236 -1.10 17.50 3.51
N GLY A 237 -1.84 16.40 3.53
CA GLY A 237 -3.22 16.42 3.96
C GLY A 237 -4.25 16.54 2.88
N MET A 238 -3.83 16.78 1.65
CA MET A 238 -4.82 16.92 0.58
C MET A 238 -5.53 15.59 0.33
N VAL A 239 -6.85 15.62 0.30
CA VAL A 239 -7.61 14.44 -0.09
C VAL A 239 -8.39 14.70 -1.36
N LYS A 240 -9.08 13.68 -1.82
CA LYS A 240 -9.80 13.70 -3.07
C LYS A 240 -10.97 12.75 -2.88
N LEU A 241 -12.08 13.06 -3.52
CA LEU A 241 -13.30 12.32 -3.22
C LEU A 241 -13.43 11.14 -4.17
N ILE A 242 -13.69 9.97 -3.61
CA ILE A 242 -13.94 8.75 -4.38
C ILE A 242 -15.26 8.16 -3.92
N GLU A 243 -15.57 6.96 -4.37
CA GLU A 243 -16.83 6.31 -3.98
C GLU A 243 -16.66 4.79 -3.90
N HIS C 4 5.62 -23.37 -15.80
CA HIS C 4 5.14 -24.29 -14.76
C HIS C 4 3.61 -24.37 -14.72
N MET C 5 3.10 -25.33 -13.95
CA MET C 5 1.66 -25.52 -13.84
C MET C 5 1.06 -24.62 -12.77
N ARG C 6 0.13 -23.76 -13.20
CA ARG C 6 -0.57 -22.83 -12.31
C ARG C 6 -2.04 -22.74 -12.68
N ILE C 7 -2.93 -22.91 -11.70
CA ILE C 7 -4.35 -22.89 -12.00
C ILE C 7 -5.10 -21.73 -11.36
N GLU C 8 -6.22 -21.36 -11.96
CA GLU C 8 -7.13 -20.37 -11.40
C GLU C 8 -8.45 -21.07 -11.05
N VAL C 9 -8.67 -21.26 -9.75
CA VAL C 9 -9.91 -21.82 -9.26
C VAL C 9 -10.91 -20.70 -9.01
N LYS C 10 -12.11 -20.83 -9.56
CA LYS C 10 -13.12 -19.80 -9.35
C LYS C 10 -14.08 -20.18 -8.25
N LEU C 11 -14.41 -19.20 -7.41
CA LEU C 11 -15.32 -19.43 -6.31
C LEU C 11 -16.57 -18.57 -6.47
N LEU C 12 -17.73 -19.15 -6.20
CA LEU C 12 -18.99 -18.44 -6.34
C LEU C 12 -19.68 -18.33 -4.98
N PRO C 13 -19.85 -17.08 -4.48
CA PRO C 13 -20.39 -16.84 -3.14
C PRO C 13 -21.86 -17.23 -3.05
N LEU C 14 -22.20 -18.02 -2.05
CA LEU C 14 -23.58 -18.40 -1.81
C LEU C 14 -24.42 -17.45 -0.93
N LYS C 15 -23.78 -16.80 0.04
CA LYS C 15 -24.52 -15.95 1.00
C LYS C 15 -25.12 -14.71 0.34
N ASP C 16 -26.13 -14.16 1.00
CA ASP C 16 -26.92 -13.06 0.44
C ASP C 16 -26.08 -11.81 0.20
N ASN C 17 -25.47 -11.30 1.26
CA ASN C 17 -24.48 -10.24 1.08
C ASN C 17 -23.14 -10.78 1.52
N PRO C 18 -22.27 -11.06 0.55
CA PRO C 18 -21.03 -11.83 0.63
C PRO C 18 -19.87 -11.08 1.27
N ILE C 19 -19.71 -11.20 2.59
CA ILE C 19 -18.51 -10.66 3.24
C ILE C 19 -17.39 -11.70 3.43
N LEU C 20 -16.28 -11.52 2.73
CA LEU C 20 -15.09 -12.35 2.87
C LEU C 20 -14.30 -11.89 4.08
N PRO C 21 -14.02 -12.81 5.02
CA PRO C 21 -13.27 -12.42 6.23
C PRO C 21 -11.82 -12.06 5.90
N PHE C 22 -11.23 -11.19 6.69
CA PHE C 22 -9.87 -10.73 6.45
C PHE C 22 -8.81 -11.82 6.55
N ASN C 23 -8.98 -12.78 7.47
CA ASN C 23 -7.96 -13.82 7.60
C ASN C 23 -8.47 -15.21 7.22
N TYR C 24 -8.17 -15.62 5.99
CA TYR C 24 -8.62 -16.92 5.47
C TYR C 24 -7.59 -18.09 5.24
N ASN C 25 -6.29 -17.87 5.41
CA ASN C 25 -5.35 -18.93 5.01
C ASN C 25 -5.69 -20.30 5.54
N TYR C 26 -5.60 -20.47 6.86
CA TYR C 26 -5.72 -21.81 7.46
C TYR C 26 -6.96 -22.52 6.93
N GLU C 27 -8.08 -21.82 6.90
CA GLU C 27 -9.33 -22.41 6.43
C GLU C 27 -9.24 -22.91 4.98
N VAL C 28 -8.52 -22.21 4.13
CA VAL C 28 -8.37 -22.64 2.75
C VAL C 28 -7.42 -23.82 2.69
N TYR C 29 -6.31 -23.68 3.41
CA TYR C 29 -5.33 -24.73 3.49
C TYR C 29 -5.98 -26.01 3.97
N SER C 30 -6.47 -25.98 5.20
CA SER C 30 -7.01 -27.19 5.83
C SER C 30 -8.18 -27.80 5.06
N GLN C 31 -8.91 -26.99 4.32
CA GLN C 31 -10.00 -27.50 3.49
C GLN C 31 -9.53 -28.11 2.18
N ILE C 32 -8.49 -27.55 1.58
CA ILE C 32 -7.90 -28.19 0.42
C ILE C 32 -7.21 -29.47 0.88
N LEU C 33 -6.55 -29.42 2.03
CA LEU C 33 -5.81 -30.54 2.54
C LEU C 33 -6.67 -31.80 2.58
N GLU C 34 -7.94 -31.64 2.96
CA GLU C 34 -8.88 -32.75 3.03
C GLU C 34 -9.39 -33.23 1.68
N LYS C 35 -10.01 -32.34 0.93
CA LYS C 35 -10.55 -32.71 -0.36
C LYS C 35 -9.48 -33.45 -1.17
N VAL C 36 -8.21 -33.15 -0.90
CA VAL C 36 -7.09 -33.85 -1.55
C VAL C 36 -6.68 -35.12 -0.79
N ASN C 37 -7.08 -35.24 0.46
CA ASN C 37 -6.82 -36.44 1.23
C ASN C 37 -7.78 -37.56 0.79
N SER C 38 -9.07 -37.32 0.92
CA SER C 38 -10.08 -38.29 0.52
C SER C 38 -9.77 -38.91 -0.84
N ILE C 39 -9.33 -38.10 -1.78
CA ILE C 39 -9.00 -38.61 -3.11
C ILE C 39 -7.59 -39.24 -3.22
N GLU C 40 -6.58 -38.59 -2.67
CA GLU C 40 -5.20 -39.07 -2.79
C GLU C 40 -4.32 -38.83 -1.56
N PRO C 41 -4.45 -39.68 -0.53
CA PRO C 41 -3.81 -39.44 0.78
C PRO C 41 -2.33 -39.17 0.66
N THR C 42 -1.71 -39.73 -0.37
CA THR C 42 -0.27 -39.67 -0.48
C THR C 42 0.20 -38.25 -0.82
N ILE C 43 -0.39 -37.66 -1.86
CA ILE C 43 -0.07 -36.28 -2.24
C ILE C 43 -0.41 -35.31 -1.12
N ALA C 44 -1.47 -35.63 -0.37
CA ALA C 44 -1.92 -34.80 0.73
C ALA C 44 -0.80 -34.48 1.71
N LYS C 45 0.19 -35.37 1.83
CA LYS C 45 1.29 -35.16 2.76
C LYS C 45 2.40 -34.22 2.25
N LEU C 46 2.49 -34.07 0.94
CA LEU C 46 3.39 -33.05 0.40
C LEU C 46 2.86 -31.68 0.78
N LEU C 47 1.55 -31.48 0.59
CA LEU C 47 0.88 -30.25 0.96
C LEU C 47 1.13 -29.90 2.43
N SER C 48 0.96 -30.88 3.31
CA SER C 48 1.05 -30.66 4.75
C SER C 48 2.47 -30.39 5.23
N SER C 49 3.44 -30.57 4.34
CA SER C 49 4.84 -30.36 4.70
C SER C 49 5.18 -28.87 4.88
N PRO C 50 6.05 -28.56 5.85
CA PRO C 50 6.53 -27.22 6.16
C PRO C 50 7.41 -26.65 5.04
N HIS C 51 7.91 -27.54 4.19
CA HIS C 51 8.92 -27.17 3.22
C HIS C 51 8.35 -26.52 1.95
N GLY C 52 7.03 -26.38 1.89
CA GLY C 52 6.44 -25.65 0.80
C GLY C 52 6.52 -26.35 -0.54
N PHE C 53 5.82 -27.46 -0.65
CA PHE C 53 5.77 -28.15 -1.94
C PHE C 53 4.79 -27.45 -2.87
N TRP C 54 4.23 -26.32 -2.41
CA TRP C 54 3.24 -25.56 -3.17
C TRP C 54 2.86 -24.23 -2.54
N THR C 55 2.21 -23.37 -3.33
CA THR C 55 1.68 -22.09 -2.86
C THR C 55 0.28 -21.86 -3.38
N PHE C 56 -0.50 -21.08 -2.64
CA PHE C 56 -1.70 -20.46 -3.18
C PHE C 56 -1.75 -19.01 -2.73
N SER C 57 -2.58 -18.22 -3.40
CA SER C 57 -2.61 -16.76 -3.22
C SER C 57 -3.73 -16.26 -2.31
N ARG C 58 -3.79 -14.95 -2.11
CA ARG C 58 -4.96 -14.33 -1.52
C ARG C 58 -6.13 -14.71 -2.38
N ILE C 59 -7.32 -14.83 -1.78
CA ILE C 59 -8.50 -14.98 -2.62
C ILE C 59 -8.73 -13.65 -3.29
N ILE C 60 -8.71 -13.65 -4.63
CA ILE C 60 -8.69 -12.40 -5.39
C ILE C 60 -10.10 -11.87 -5.69
N VAL C 61 -10.42 -10.67 -5.19
CA VAL C 61 -11.72 -10.06 -5.43
C VAL C 61 -11.61 -8.76 -6.24
N ARG C 62 -12.05 -8.79 -7.50
CA ARG C 62 -11.87 -7.63 -8.40
C ARG C 62 -12.68 -6.40 -8.01
N LYS C 63 -13.92 -6.59 -7.62
CA LYS C 63 -14.75 -5.48 -7.17
C LYS C 63 -15.14 -5.73 -5.72
N ARG C 64 -14.77 -4.80 -4.84
CA ARG C 64 -14.88 -5.03 -3.42
C ARG C 64 -14.90 -3.72 -2.67
N LYS C 65 -15.33 -3.77 -1.41
CA LYS C 65 -15.11 -2.66 -0.48
C LYS C 65 -15.02 -3.17 0.95
N ILE C 66 -14.42 -2.36 1.82
CA ILE C 66 -14.01 -2.82 3.15
C ILE C 66 -15.00 -2.53 4.27
N LEU C 67 -15.38 -3.55 5.03
CA LEU C 67 -16.03 -3.36 6.31
C LEU C 67 -15.02 -3.78 7.38
N PRO C 68 -14.39 -2.80 8.04
CA PRO C 68 -13.23 -3.07 8.89
C PRO C 68 -13.47 -4.06 10.04
N ASP C 69 -14.72 -4.11 10.52
CA ASP C 69 -15.07 -5.01 11.62
C ASP C 69 -15.59 -6.36 11.12
N LYS C 70 -15.71 -6.49 9.81
CA LYS C 70 -16.39 -7.64 9.21
C LYS C 70 -15.49 -8.38 8.23
N GLY C 71 -15.04 -7.67 7.20
CA GLY C 71 -14.26 -8.30 6.15
C GLY C 71 -14.29 -7.50 4.86
N ILE C 72 -14.09 -8.21 3.75
CA ILE C 72 -14.13 -7.61 2.43
C ILE C 72 -15.46 -7.92 1.78
N GLU C 73 -16.28 -6.90 1.58
CA GLU C 73 -17.56 -7.06 0.91
C GLU C 73 -17.28 -7.45 -0.54
N ILE C 74 -17.92 -8.52 -1.01
CA ILE C 74 -17.70 -8.98 -2.38
C ILE C 74 -18.73 -8.39 -3.33
N LEU C 75 -18.28 -7.52 -4.23
CA LEU C 75 -19.18 -6.93 -5.21
C LEU C 75 -19.09 -7.57 -6.60
N SER C 76 -18.18 -8.53 -6.78
CA SER C 76 -18.09 -9.25 -8.05
C SER C 76 -19.01 -10.46 -8.05
N ASP C 77 -19.11 -11.13 -9.19
CA ASP C 77 -19.94 -12.31 -9.30
C ASP C 77 -19.19 -13.51 -8.76
N ASP C 78 -17.88 -13.48 -8.95
CA ASP C 78 -17.02 -14.58 -8.57
C ASP C 78 -15.69 -14.05 -8.07
N VAL C 79 -15.02 -14.83 -7.24
CA VAL C 79 -13.67 -14.51 -6.81
C VAL C 79 -12.75 -15.63 -7.30
N SER C 80 -11.45 -15.48 -7.09
CA SER C 80 -10.49 -16.41 -7.68
C SER C 80 -9.33 -16.75 -6.77
N LEU C 81 -8.95 -18.02 -6.76
CA LEU C 81 -7.78 -18.49 -6.02
C LEU C 81 -6.71 -18.96 -7.01
N TYR C 82 -5.44 -18.72 -6.72
CA TYR C 82 -4.39 -19.16 -7.64
C TYR C 82 -3.43 -20.13 -6.95
N ILE C 83 -3.39 -21.35 -7.45
CA ILE C 83 -2.51 -22.37 -6.88
C ILE C 83 -1.34 -22.65 -7.82
N SER C 84 -0.17 -22.87 -7.24
CA SER C 84 1.04 -23.09 -8.04
C SER C 84 1.96 -24.14 -7.40
N SER C 85 2.85 -24.71 -8.20
CA SER C 85 3.73 -25.77 -7.72
C SER C 85 4.70 -26.18 -8.82
N SER C 86 5.85 -26.72 -8.42
CA SER C 86 6.87 -27.11 -9.39
C SER C 86 6.53 -28.50 -9.85
N ASN C 87 5.63 -29.12 -9.10
CA ASN C 87 5.16 -30.45 -9.35
C ASN C 87 3.79 -30.39 -10.01
N GLU C 88 3.71 -30.74 -11.28
CA GLU C 88 2.44 -30.71 -12.00
C GLU C 88 1.51 -31.86 -11.59
N ASP C 89 1.99 -32.77 -10.75
CA ASP C 89 1.16 -33.84 -10.22
C ASP C 89 0.30 -33.33 -9.07
N ILE C 90 0.90 -32.50 -8.21
CA ILE C 90 0.18 -31.88 -7.10
C ILE C 90 -0.96 -31.00 -7.58
N ILE C 91 -0.67 -30.10 -8.51
CA ILE C 91 -1.69 -29.23 -9.06
C ILE C 91 -2.84 -30.04 -9.64
N ARG C 92 -2.49 -31.04 -10.43
CA ARG C 92 -3.47 -31.94 -11.05
C ARG C 92 -4.36 -32.61 -10.00
N ALA C 93 -3.79 -32.84 -8.82
CA ALA C 93 -4.51 -33.52 -7.74
C ALA C 93 -5.49 -32.59 -7.04
N ILE C 94 -5.05 -31.35 -6.83
CA ILE C 94 -5.88 -30.34 -6.17
C ILE C 94 -7.08 -30.02 -7.04
N ALA C 95 -6.85 -29.92 -8.34
CA ALA C 95 -7.94 -29.61 -9.26
C ALA C 95 -9.00 -30.70 -9.22
N GLU C 96 -8.57 -31.95 -9.15
CA GLU C 96 -9.51 -33.06 -9.09
C GLU C 96 -10.25 -33.06 -7.76
N ALA C 97 -9.47 -33.08 -6.68
CA ALA C 97 -9.97 -33.20 -5.32
C ALA C 97 -10.99 -32.12 -5.00
N VAL C 98 -10.74 -30.93 -5.55
CA VAL C 98 -11.58 -29.77 -5.33
C VAL C 98 -12.83 -29.82 -6.18
N GLU C 99 -12.72 -30.43 -7.36
CA GLU C 99 -13.87 -30.60 -8.24
C GLU C 99 -14.83 -31.65 -7.69
N LYS C 100 -14.31 -32.67 -7.01
CA LYS C 100 -15.18 -33.72 -6.45
C LYS C 100 -15.86 -33.27 -5.16
N SER C 101 -15.30 -32.25 -4.53
CA SER C 101 -15.89 -31.71 -3.31
C SER C 101 -15.86 -30.19 -3.35
N PRO C 102 -16.73 -29.60 -4.20
CA PRO C 102 -16.71 -28.18 -4.62
C PRO C 102 -17.06 -27.17 -3.53
N GLU C 103 -17.73 -27.60 -2.48
CA GLU C 103 -18.08 -26.74 -1.37
C GLU C 103 -16.83 -26.23 -0.64
N PHE C 104 -16.78 -24.94 -0.33
CA PHE C 104 -15.72 -24.36 0.51
C PHE C 104 -16.34 -23.41 1.53
N LYS C 105 -16.02 -23.56 2.81
CA LYS C 105 -16.55 -22.62 3.79
C LYS C 105 -15.44 -21.77 4.38
N ILE C 106 -15.67 -20.46 4.43
CA ILE C 106 -14.73 -19.53 5.03
C ILE C 106 -15.51 -18.53 5.88
N GLY C 107 -15.25 -18.53 7.18
CA GLY C 107 -16.03 -17.71 8.08
C GLY C 107 -17.51 -18.05 7.93
N GLU C 108 -18.28 -17.02 7.62
CA GLU C 108 -19.71 -17.14 7.35
C GLU C 108 -19.98 -17.60 5.92
N LEU C 109 -19.15 -17.12 5.00
CA LEU C 109 -19.32 -17.36 3.58
C LEU C 109 -19.15 -18.82 3.18
N SER C 110 -20.11 -19.36 2.42
CA SER C 110 -19.91 -20.66 1.77
C SER C 110 -19.74 -20.41 0.28
N PHE C 111 -18.66 -20.93 -0.29
CA PHE C 111 -18.43 -20.81 -1.73
C PHE C 111 -18.71 -22.10 -2.46
N LEU C 112 -18.64 -22.04 -3.79
CA LEU C 112 -18.87 -23.21 -4.62
C LEU C 112 -17.83 -23.18 -5.73
N VAL C 113 -17.03 -24.24 -5.85
CA VAL C 113 -16.00 -24.19 -6.86
C VAL C 113 -16.60 -24.18 -8.26
N GLY C 114 -16.23 -23.14 -9.01
CA GLY C 114 -16.61 -22.96 -10.40
C GLY C 114 -15.52 -23.51 -11.30
N ASP C 115 -15.28 -22.83 -12.42
CA ASP C 115 -14.34 -23.35 -13.40
C ASP C 115 -12.87 -23.26 -12.97
N ILE C 116 -12.22 -24.41 -12.91
CA ILE C 116 -10.77 -24.45 -12.77
C ILE C 116 -10.15 -24.36 -14.16
N LYS C 117 -9.07 -23.62 -14.28
CA LYS C 117 -8.46 -23.43 -15.60
C LYS C 117 -6.98 -23.12 -15.46
N ALA C 118 -6.20 -23.47 -16.48
CA ALA C 118 -4.75 -23.26 -16.45
C ALA C 118 -4.41 -21.81 -16.76
N ILE C 119 -3.28 -21.35 -16.25
CA ILE C 119 -2.87 -19.95 -16.43
C ILE C 119 -1.55 -19.85 -17.19
N LYS C 120 -1.54 -19.04 -18.26
CA LYS C 120 -0.33 -18.92 -19.07
C LYS C 120 0.78 -18.22 -18.28
N VAL C 121 1.89 -18.93 -18.14
CA VAL C 121 2.96 -18.49 -17.26
C VAL C 121 4.24 -18.14 -18.02
N LYS C 122 4.62 -16.87 -17.99
CA LYS C 122 5.79 -16.40 -18.73
C LYS C 122 7.11 -16.99 -18.20
N GLU C 123 8.08 -17.06 -19.09
CA GLU C 123 9.43 -17.51 -18.74
C GLU C 123 10.17 -16.40 -18.01
N LEU C 124 11.05 -16.77 -17.08
CA LEU C 124 11.77 -15.75 -16.35
C LEU C 124 12.94 -15.25 -17.17
N GLY C 125 13.59 -14.17 -16.71
CA GLY C 125 14.77 -13.63 -17.34
C GLY C 125 15.99 -13.77 -16.43
N LYS C 126 17.06 -13.07 -16.80
CA LYS C 126 18.23 -12.94 -15.93
C LYS C 126 17.80 -12.23 -14.66
N GLU C 127 16.90 -11.28 -14.85
CA GLU C 127 16.40 -10.44 -13.77
C GLU C 127 14.88 -10.34 -13.87
N ASN C 128 14.20 -10.37 -12.72
CA ASN C 128 12.74 -10.36 -12.69
C ASN C 128 12.16 -9.38 -11.69
N VAL C 129 10.99 -8.86 -12.01
CA VAL C 129 10.25 -8.03 -11.09
C VAL C 129 9.00 -8.82 -10.71
N PHE C 130 8.94 -9.23 -9.45
CA PHE C 130 7.84 -10.07 -8.97
C PHE C 130 6.88 -9.24 -8.13
N SER C 131 5.62 -9.63 -8.14
CA SER C 131 4.65 -9.07 -7.20
C SER C 131 4.03 -10.18 -6.37
N THR C 132 3.78 -9.89 -5.10
CA THR C 132 3.23 -10.89 -4.21
C THR C 132 1.71 -11.06 -4.35
N LEU C 133 1.29 -12.25 -4.76
CA LEU C 133 -0.10 -12.67 -4.72
C LEU C 133 -0.43 -13.15 -3.30
N SER C 134 0.63 -13.43 -2.54
CA SER C 134 0.53 -13.86 -1.15
C SER C 134 1.63 -13.15 -0.42
N PRO C 135 1.40 -12.77 0.84
CA PRO C 135 2.50 -12.09 1.52
C PRO C 135 3.69 -13.04 1.75
N ILE C 136 4.90 -12.49 1.76
CA ILE C 136 6.09 -13.30 1.95
C ILE C 136 6.53 -13.33 3.41
N VAL C 137 6.65 -14.53 3.95
CA VAL C 137 6.94 -14.72 5.37
C VAL C 137 8.35 -15.26 5.61
N VAL C 138 9.12 -14.56 6.43
CA VAL C 138 10.44 -14.99 6.81
C VAL C 138 10.59 -14.87 8.32
N ARG C 139 10.75 -16.01 9.00
CA ARG C 139 10.80 -16.01 10.47
C ARG C 139 12.15 -16.40 11.06
N THR C 140 12.41 -15.86 12.23
CA THR C 140 13.52 -16.27 13.07
C THR C 140 12.89 -16.60 14.41
N VAL C 141 13.63 -17.27 15.29
CA VAL C 141 13.11 -17.56 16.63
C VAL C 141 13.79 -16.66 17.65
N LYS C 142 13.07 -16.30 18.69
CA LYS C 142 13.59 -15.35 19.67
C LYS C 142 13.05 -15.71 21.02
N PHE C 143 13.75 -15.32 22.06
CA PHE C 143 13.25 -15.53 23.41
C PHE C 143 12.59 -14.23 23.88
N GLU C 144 11.35 -14.34 24.37
CA GLU C 144 10.71 -13.22 25.02
C GLU C 144 10.60 -13.60 26.48
N GLY C 145 11.45 -12.99 27.30
CA GLY C 145 11.64 -13.41 28.66
C GLY C 145 12.17 -14.83 28.72
N ASN C 146 11.47 -15.67 29.48
CA ASN C 146 11.80 -17.08 29.56
C ASN C 146 10.98 -17.95 28.61
N LYS C 147 10.24 -17.29 27.73
CA LYS C 147 9.48 -17.99 26.71
C LYS C 147 10.10 -17.89 25.31
N LEU C 148 9.87 -18.92 24.50
CA LEU C 148 10.38 -18.98 23.13
C LEU C 148 9.35 -18.44 22.14
N ARG C 149 9.78 -17.56 21.25
CA ARG C 149 8.85 -16.81 20.39
C ARG C 149 9.26 -16.78 18.93
N HIS C 150 8.29 -16.95 18.05
CA HIS C 150 8.46 -16.55 16.66
C HIS C 150 8.58 -15.03 16.53
N TRP C 151 9.59 -14.60 15.78
CA TRP C 151 9.73 -13.20 15.48
C TRP C 151 9.82 -13.06 13.96
N ASP C 152 8.87 -12.33 13.37
CA ASP C 152 8.73 -12.27 11.91
C ASP C 152 9.49 -11.11 11.34
N LEU C 153 10.16 -11.34 10.22
CA LEU C 153 11.07 -10.35 9.64
C LEU C 153 10.54 -9.70 8.37
N TYR C 154 11.03 -8.49 8.12
CA TYR C 154 10.76 -7.77 6.89
C TYR C 154 12.11 -7.32 6.33
N PRO C 155 12.15 -6.91 5.04
CA PRO C 155 13.40 -6.57 4.36
C PRO C 155 14.23 -5.48 5.03
N HIS C 156 13.62 -4.64 5.87
CA HIS C 156 14.40 -3.62 6.56
C HIS C 156 15.23 -4.20 7.70
N ASP C 157 14.98 -5.48 8.02
CA ASP C 157 15.72 -6.17 9.08
C ASP C 157 17.07 -6.65 8.55
N GLU C 158 18.11 -6.46 9.34
CA GLU C 158 19.44 -6.90 8.94
C GLU C 158 19.45 -8.37 8.58
N LEU C 159 18.80 -9.17 9.43
CA LEU C 159 18.74 -10.61 9.23
C LEU C 159 17.81 -11.10 8.12
N PHE C 160 17.04 -10.21 7.49
CA PHE C 160 16.06 -10.65 6.50
C PHE C 160 16.67 -11.38 5.29
N MET C 161 17.58 -10.74 4.57
CA MET C 161 18.16 -11.36 3.39
C MET C 161 18.85 -12.67 3.75
N ASP C 162 19.50 -12.65 4.90
CA ASP C 162 20.31 -13.78 5.33
C ASP C 162 19.44 -15.02 5.59
N ARG C 163 18.35 -14.84 6.33
CA ARG C 163 17.51 -15.98 6.66
C ARG C 163 16.66 -16.44 5.47
N LEU C 164 16.34 -15.53 4.55
CA LEU C 164 15.57 -15.89 3.36
C LEU C 164 16.39 -16.76 2.41
N ARG C 165 17.68 -16.44 2.26
CA ARG C 165 18.57 -17.28 1.45
C ARG C 165 18.56 -18.69 2.05
N LYS C 166 18.87 -18.78 3.34
CA LYS C 166 18.93 -20.08 3.98
C LYS C 166 17.63 -20.83 3.85
N VAL C 167 16.51 -20.11 3.90
CA VAL C 167 15.21 -20.77 3.83
C VAL C 167 14.88 -21.30 2.44
N MET C 168 15.37 -20.62 1.41
CA MET C 168 15.11 -21.02 0.04
C MET C 168 16.02 -22.18 -0.33
N ILE C 169 17.28 -22.07 0.09
CA ILE C 169 18.26 -23.13 -0.15
C ILE C 169 17.84 -24.43 0.52
N LEU C 170 17.42 -24.32 1.79
CA LEU C 170 16.93 -25.47 2.53
C LEU C 170 15.68 -26.04 1.86
N ARG C 171 14.68 -25.18 1.63
CA ARG C 171 13.46 -25.62 0.95
C ARG C 171 13.78 -26.31 -0.37
N TYR C 172 14.62 -25.68 -1.18
CA TYR C 172 14.96 -26.19 -2.49
C TYR C 172 15.42 -27.66 -2.42
N SER C 173 16.38 -27.93 -1.56
CA SER C 173 16.99 -29.24 -1.55
C SER C 173 16.00 -30.28 -1.00
N GLU C 174 15.21 -29.87 -0.02
CA GLU C 174 14.26 -30.79 0.61
C GLU C 174 13.10 -31.15 -0.31
N VAL C 175 13.01 -30.49 -1.46
CA VAL C 175 11.93 -30.74 -2.42
C VAL C 175 12.42 -31.12 -3.81
N MET C 176 13.26 -30.28 -4.42
CA MET C 176 13.95 -30.64 -5.66
C MET C 176 14.79 -31.92 -5.53
N GLY C 177 15.22 -32.22 -4.31
CA GLY C 177 15.92 -33.46 -4.03
C GLY C 177 17.42 -33.31 -3.89
N GLU C 178 17.96 -32.24 -4.46
CA GLU C 178 19.39 -31.97 -4.40
C GLU C 178 19.57 -30.52 -4.01
N THR C 179 20.79 -30.12 -3.66
CA THR C 179 21.09 -28.72 -3.40
C THR C 179 21.14 -27.94 -4.70
N PRO C 180 20.72 -26.66 -4.69
CA PRO C 180 20.78 -25.90 -5.93
C PRO C 180 22.22 -25.48 -6.22
N LYS C 181 22.61 -25.52 -7.49
CA LYS C 181 23.98 -25.16 -7.85
C LYS C 181 24.36 -23.72 -7.48
N ASP C 182 23.62 -22.76 -8.02
CA ASP C 182 23.88 -21.34 -7.70
C ASP C 182 23.06 -20.98 -6.48
N ARG C 183 23.75 -20.69 -5.38
CA ARG C 183 23.09 -20.42 -4.10
C ARG C 183 22.92 -18.94 -3.73
N ASP C 184 23.30 -18.03 -4.61
CA ASP C 184 23.25 -16.60 -4.31
C ASP C 184 22.12 -15.86 -5.01
N PHE C 185 21.47 -14.94 -4.28
CA PHE C 185 20.56 -13.97 -4.90
C PHE C 185 20.35 -12.73 -4.03
N THR C 186 19.90 -11.66 -4.67
CA THR C 186 19.61 -10.42 -3.98
C THR C 186 18.19 -10.02 -4.28
N ILE C 187 17.57 -9.30 -3.36
CA ILE C 187 16.21 -8.87 -3.56
C ILE C 187 16.18 -7.40 -3.25
N GLU C 188 15.81 -6.57 -4.23
CA GLU C 188 15.59 -5.15 -3.90
C GLU C 188 14.13 -4.75 -3.99
N VAL C 189 13.66 -4.09 -2.93
CA VAL C 189 12.26 -3.71 -2.78
C VAL C 189 11.86 -2.45 -3.56
N LEU C 190 10.83 -2.61 -4.38
CA LEU C 190 10.24 -1.50 -5.12
C LEU C 190 9.02 -0.91 -4.40
N LYS C 191 8.01 -1.75 -4.18
CA LYS C 191 6.83 -1.32 -3.44
C LYS C 191 6.62 -2.27 -2.27
N PHE C 192 6.39 -1.73 -1.08
CA PHE C 192 6.31 -2.55 0.14
C PHE C 192 5.23 -2.16 1.13
N LYS C 193 4.42 -3.13 1.54
CA LYS C 193 3.48 -2.94 2.67
C LYS C 193 3.46 -4.16 3.58
N PRO C 194 3.45 -3.94 4.91
CA PRO C 194 3.38 -5.02 5.91
C PRO C 194 1.96 -5.51 6.15
N THR C 195 1.80 -6.77 6.52
CA THR C 195 0.48 -7.30 6.84
C THR C 195 0.57 -8.34 7.95
N ARG C 196 -0.41 -8.36 8.85
CA ARG C 196 -0.50 -9.36 9.92
C ARG C 196 -1.69 -10.29 9.70
N LEU C 197 -1.43 -11.58 9.52
CA LEU C 197 -2.53 -12.51 9.35
C LEU C 197 -2.72 -13.41 10.56
N MET C 198 -3.97 -13.68 10.89
CA MET C 198 -4.27 -14.68 11.89
C MET C 198 -4.58 -16.00 11.20
N VAL C 199 -3.70 -16.96 11.39
CA VAL C 199 -3.92 -18.28 10.84
C VAL C 199 -4.06 -19.24 12.03
N GLY C 200 -5.28 -19.74 12.24
CA GLY C 200 -5.58 -20.51 13.42
C GLY C 200 -5.45 -19.73 14.72
N SER C 201 -4.61 -20.21 15.62
CA SER C 201 -4.45 -19.61 16.94
C SER C 201 -3.44 -18.48 16.92
N SER C 202 -2.65 -18.43 15.85
CA SER C 202 -1.44 -17.61 15.87
C SER C 202 -1.39 -16.50 14.80
N TYR C 203 -0.52 -15.52 15.04
CA TYR C 203 -0.34 -14.40 14.15
C TYR C 203 0.95 -14.50 13.36
N ILE C 204 0.83 -14.35 12.05
CA ILE C 204 2.00 -14.28 11.20
C ILE C 204 2.10 -12.93 10.47
N ARG C 205 3.23 -12.23 10.58
CA ARG C 205 3.40 -10.99 9.85
C ARG C 205 4.28 -11.25 8.65
N GLY C 206 4.00 -10.55 7.56
CA GLY C 206 4.73 -10.78 6.32
C GLY C 206 4.67 -9.58 5.41
N SER C 207 5.19 -9.75 4.19
CA SER C 207 5.40 -8.65 3.29
C SER C 207 4.56 -8.76 2.04
N LEU C 208 3.73 -7.73 1.78
CA LEU C 208 3.08 -7.56 0.48
C LEU C 208 3.95 -6.60 -0.28
N MET C 209 4.48 -7.04 -1.40
CA MET C 209 5.50 -6.21 -2.04
C MET C 209 5.71 -6.51 -3.51
N VAL C 210 6.35 -5.56 -4.16
CA VAL C 210 6.86 -5.72 -5.51
C VAL C 210 8.37 -5.61 -5.36
N PHE C 211 9.11 -6.53 -5.95
CA PHE C 211 10.56 -6.52 -5.80
C PHE C 211 11.26 -7.03 -7.02
N ARG C 212 12.55 -6.75 -7.12
CA ARG C 212 13.35 -7.26 -8.22
C ARG C 212 14.31 -8.32 -7.72
N TYR C 213 14.21 -9.49 -8.33
CA TYR C 213 15.05 -10.63 -7.97
C TYR C 213 16.26 -10.74 -8.87
N ALA C 214 17.45 -10.64 -8.27
CA ALA C 214 18.69 -10.87 -8.99
C ALA C 214 19.39 -12.09 -8.38
N GLY C 215 19.75 -13.06 -9.20
CA GLY C 215 20.47 -14.19 -8.66
C GLY C 215 20.28 -15.53 -9.34
N SER C 216 20.49 -16.58 -8.56
CA SER C 216 20.36 -17.94 -9.06
C SER C 216 19.04 -18.15 -9.81
N GLU C 217 19.14 -18.69 -11.01
CA GLU C 217 17.97 -18.90 -11.85
C GLU C 217 17.10 -20.05 -11.34
N GLU C 218 17.73 -21.11 -10.84
CA GLU C 218 16.95 -22.25 -10.35
C GLU C 218 16.24 -21.94 -9.02
N ILE C 219 16.83 -21.04 -8.23
CA ILE C 219 16.14 -20.56 -7.05
C ILE C 219 15.00 -19.63 -7.46
N ALA C 220 15.28 -18.71 -8.37
CA ALA C 220 14.24 -17.84 -8.89
C ALA C 220 13.05 -18.68 -9.33
N ARG C 221 13.27 -19.70 -10.16
CA ARG C 221 12.12 -20.42 -10.67
C ARG C 221 11.45 -21.28 -9.61
N PHE C 222 12.18 -21.58 -8.53
CA PHE C 222 11.63 -22.39 -7.44
C PHE C 222 10.62 -21.59 -6.63
N GLY C 223 10.99 -20.35 -6.32
CA GLY C 223 10.09 -19.46 -5.60
C GLY C 223 8.92 -19.08 -6.48
N TYR C 224 9.18 -18.92 -7.77
CA TYR C 224 8.15 -18.57 -8.70
C TYR C 224 7.08 -19.67 -8.71
N GLU C 225 7.53 -20.92 -8.77
CA GLU C 225 6.62 -22.07 -8.79
C GLU C 225 6.07 -22.45 -7.41
N ASN C 226 6.96 -22.54 -6.42
CA ASN C 226 6.62 -22.98 -5.07
C ASN C 226 6.45 -21.90 -4.01
N GLY C 227 6.60 -20.64 -4.40
CA GLY C 227 6.49 -19.54 -3.47
C GLY C 227 7.82 -19.17 -2.84
N PHE C 228 7.93 -17.91 -2.42
CA PHE C 228 9.13 -17.40 -1.75
C PHE C 228 8.93 -17.32 -0.25
N GLY C 229 10.00 -17.53 0.52
CA GLY C 229 9.88 -17.51 1.97
C GLY C 229 9.35 -18.81 2.53
N GLU C 230 8.78 -18.74 3.72
CA GLU C 230 8.34 -19.94 4.45
C GLU C 230 6.84 -20.11 4.40
N LYS C 231 6.35 -21.21 4.97
CA LYS C 231 4.95 -21.38 5.23
C LYS C 231 4.11 -21.26 3.99
N THR C 232 4.70 -21.47 2.83
CA THR C 232 3.98 -21.24 1.60
C THR C 232 2.76 -22.16 1.47
N GLY C 233 2.85 -23.34 2.06
CA GLY C 233 1.75 -24.30 2.04
C GLY C 233 0.47 -23.71 2.61
N LEU C 234 0.62 -22.70 3.46
CA LEU C 234 -0.52 -22.03 4.06
C LEU C 234 -1.03 -20.86 3.19
N GLY C 235 -0.56 -20.78 1.94
CA GLY C 235 -0.95 -19.67 1.09
C GLY C 235 -0.17 -18.40 1.35
N PHE C 236 1.15 -18.54 1.33
CA PHE C 236 2.06 -17.43 1.49
C PHE C 236 3.13 -17.52 0.41
N GLY C 237 3.67 -16.37 0.03
CA GLY C 237 4.85 -16.32 -0.80
C GLY C 237 4.64 -16.49 -2.29
N MET C 238 3.39 -16.61 -2.73
CA MET C 238 3.13 -16.76 -4.16
C MET C 238 3.42 -15.45 -4.88
N VAL C 239 4.09 -15.55 -6.02
CA VAL C 239 4.39 -14.36 -6.79
C VAL C 239 3.90 -14.47 -8.23
N LYS C 240 3.75 -13.30 -8.87
CA LYS C 240 3.50 -13.23 -10.30
C LYS C 240 4.60 -12.36 -10.90
N LEU C 241 4.88 -12.57 -12.17
CA LEU C 241 5.90 -11.82 -12.88
C LEU C 241 5.28 -10.57 -13.54
N ILE C 242 5.99 -9.44 -13.52
CA ILE C 242 5.45 -8.21 -14.15
C ILE C 242 6.44 -7.42 -15.03
N GLU C 243 6.01 -6.25 -15.48
CA GLU C 243 6.87 -5.34 -16.24
C GLU C 243 6.86 -3.94 -15.63
#